data_1VHY
#
_entry.id   1VHY
#
_cell.length_a   57.895
_cell.length_b   76.413
_cell.length_c   62.107
_cell.angle_alpha   90.00
_cell.angle_beta   108.43
_cell.angle_gamma   90.00
#
_symmetry.space_group_name_H-M   'P 1 21 1'
#
loop_
_entity.id
_entity.type
_entity.pdbx_description
1 polymer 'Hypothetical protein HI0303'
2 water water
#
_entity_poly.entity_id   1
_entity_poly.type   'polypeptide(L)'
_entity_poly.pdbx_seq_one_letter_code
;(MSE)SLRIPRIYHPISLENQTQCYLSEDAANHVARVLR(MSE)TEGEQLELFDGSNHIYPAKIIESNKKSVKVEILGRE
LADKESHLKIHLGQVISRGER(MSE)EFTIQKSVELGVNVITPLWSERCGVKLDAER(MSE)DKKIQQWQKIAIAACEQC
GRNIVPEIRPL(MSE)KLQDWCAENDGALKLNLHPRAHYSIKTLPTIPAGGVRLLIGSEGGLSAQEIAQTEQQGFTEILL
GKRVLRTETASLAAISALQICFGDLGEEGGSHHHHHH
;
_entity_poly.pdbx_strand_id   A,B
#
# COMPACT_ATOMS: atom_id res chain seq x y z
N ILE A 5 13.68 -14.27 -18.53
CA ILE A 5 12.60 -13.97 -17.61
C ILE A 5 12.65 -12.48 -17.23
N PRO A 6 13.82 -12.01 -16.85
CA PRO A 6 14.02 -10.66 -16.39
C PRO A 6 13.68 -9.60 -17.43
N ARG A 7 12.96 -8.59 -16.98
CA ARG A 7 12.59 -7.47 -17.83
C ARG A 7 13.60 -6.35 -17.65
N ILE A 8 14.01 -5.73 -18.74
CA ILE A 8 15.05 -4.69 -18.71
C ILE A 8 14.53 -3.48 -19.48
N TYR A 9 14.56 -2.30 -18.83
CA TYR A 9 14.17 -1.11 -19.54
C TYR A 9 15.32 -0.60 -20.42
N HIS A 10 14.97 -0.12 -21.60
CA HIS A 10 15.89 0.47 -22.56
C HIS A 10 15.41 1.90 -22.87
N PRO A 11 16.28 2.87 -22.72
CA PRO A 11 15.99 4.28 -22.82
C PRO A 11 16.01 4.95 -24.16
N ILE A 12 16.03 4.20 -25.21
CA ILE A 12 16.01 4.58 -26.60
C ILE A 12 15.09 3.62 -27.33
N SER A 13 14.30 4.11 -28.27
CA SER A 13 13.38 3.27 -29.01
C SER A 13 14.10 2.11 -29.68
N LEU A 14 13.48 0.93 -29.60
CA LEU A 14 14.06 -0.28 -30.15
C LEU A 14 13.37 -0.64 -31.47
N GLU A 15 12.41 0.19 -31.87
CA GLU A 15 11.74 -0.06 -33.14
C GLU A 15 12.83 -0.13 -34.22
N ASN A 16 12.81 -1.17 -35.02
CA ASN A 16 13.73 -1.36 -36.12
C ASN A 16 15.13 -1.76 -35.74
N GLN A 17 15.45 -1.90 -34.46
CA GLN A 17 16.74 -2.39 -34.04
C GLN A 17 16.69 -3.92 -33.91
N THR A 18 17.79 -4.56 -34.29
CA THR A 18 17.91 -6.02 -34.21
C THR A 18 18.94 -6.36 -33.13
N GLN A 19 19.66 -5.32 -32.68
CA GLN A 19 20.62 -5.51 -31.60
C GLN A 19 20.91 -4.17 -30.92
N CYS A 20 21.46 -4.24 -29.71
CA CYS A 20 21.78 -3.01 -28.99
C CYS A 20 22.62 -3.29 -27.77
N TYR A 21 23.21 -2.23 -27.21
CA TYR A 21 23.93 -2.34 -25.95
C TYR A 21 22.98 -1.84 -24.83
N LEU A 22 22.91 -2.62 -23.76
CA LEU A 22 21.99 -2.23 -22.66
C LEU A 22 22.50 -0.97 -21.99
N SER A 23 21.62 -0.26 -21.25
CA SER A 23 22.08 0.93 -20.54
C SER A 23 23.07 0.55 -19.45
N GLU A 24 23.76 1.56 -18.91
CA GLU A 24 24.71 1.36 -17.82
C GLU A 24 24.12 0.62 -16.66
N ASP A 25 22.97 1.09 -16.15
CA ASP A 25 22.35 0.38 -15.03
C ASP A 25 21.98 -1.04 -15.43
N ALA A 26 21.43 -1.22 -16.63
CA ALA A 26 21.02 -2.57 -17.06
C ALA A 26 22.21 -3.49 -17.28
N ALA A 27 23.26 -3.01 -17.95
CA ALA A 27 24.46 -3.77 -18.22
C ALA A 27 25.11 -4.25 -16.92
N ASN A 28 25.23 -3.31 -15.96
CA ASN A 28 25.80 -3.66 -14.66
C ASN A 28 24.92 -4.64 -13.91
N HIS A 29 23.61 -4.45 -13.95
CA HIS A 29 22.70 -5.35 -13.26
C HIS A 29 22.72 -6.76 -13.86
N VAL A 30 22.69 -6.81 -15.18
CA VAL A 30 22.64 -8.07 -15.93
C VAL A 30 23.93 -8.87 -15.82
N ALA A 31 25.06 -8.25 -16.11
CA ALA A 31 26.35 -8.94 -16.14
C ALA A 31 27.10 -9.00 -14.83
N ARG A 32 26.86 -8.08 -13.91
CA ARG A 32 27.62 -8.08 -12.65
C ARG A 32 26.76 -8.50 -11.47
N VAL A 33 25.58 -7.92 -11.34
CA VAL A 33 24.68 -8.28 -10.25
C VAL A 33 24.13 -9.67 -10.46
N LEU A 34 23.44 -9.91 -11.58
CA LEU A 34 22.87 -11.22 -11.87
C LEU A 34 23.88 -12.17 -12.48
N ARG A 35 25.01 -11.65 -12.98
CA ARG A 35 26.04 -12.51 -13.55
C ARG A 35 25.46 -13.39 -14.66
N MSE A 36 24.70 -12.77 -15.56
CA MSE A 36 24.07 -13.51 -16.66
C MSE A 36 25.07 -13.64 -17.81
O MSE A 36 26.00 -12.85 -17.96
CB MSE A 36 22.77 -12.84 -17.10
CG MSE A 36 21.58 -13.15 -16.21
SE MSE A 36 19.99 -12.17 -16.64
CE MSE A 36 19.27 -13.24 -18.05
N THR A 37 24.93 -14.73 -18.58
CA THR A 37 25.90 -15.01 -19.63
C THR A 37 25.29 -15.10 -21.03
N GLU A 38 26.21 -15.12 -22.00
CA GLU A 38 25.85 -15.25 -23.40
C GLU A 38 24.81 -16.33 -23.60
N GLY A 39 23.79 -16.07 -24.40
CA GLY A 39 22.72 -17.01 -24.67
C GLY A 39 21.47 -16.89 -23.84
N GLU A 40 21.53 -16.25 -22.68
CA GLU A 40 20.39 -16.19 -21.76
C GLU A 40 19.35 -15.16 -22.20
N GLN A 41 18.08 -15.44 -21.94
CA GLN A 41 16.99 -14.56 -22.40
C GLN A 41 16.68 -13.38 -21.49
N LEU A 42 16.19 -12.31 -22.10
CA LEU A 42 15.73 -11.12 -21.41
C LEU A 42 14.44 -10.60 -22.08
N GLU A 43 13.69 -9.73 -21.39
CA GLU A 43 12.54 -9.12 -22.08
C GLU A 43 12.71 -7.61 -21.98
N LEU A 44 13.02 -6.96 -23.10
CA LEU A 44 13.28 -5.51 -23.05
C LEU A 44 11.99 -4.75 -23.36
N PHE A 45 11.92 -3.51 -22.94
CA PHE A 45 10.76 -2.66 -23.23
C PHE A 45 11.30 -1.21 -23.29
N ASP A 46 10.74 -0.41 -24.16
CA ASP A 46 11.36 0.91 -24.35
C ASP A 46 10.43 2.05 -24.02
N GLY A 47 9.31 1.79 -23.34
CA GLY A 47 8.38 2.83 -22.94
C GLY A 47 7.30 3.08 -23.98
N SER A 48 7.27 2.28 -25.06
CA SER A 48 6.28 2.42 -26.13
C SER A 48 5.10 1.50 -26.00
N ASN A 49 4.98 0.79 -24.89
CA ASN A 49 3.95 -0.18 -24.62
C ASN A 49 4.17 -1.49 -25.40
N HIS A 50 5.39 -1.66 -25.92
CA HIS A 50 5.77 -2.92 -26.56
C HIS A 50 6.89 -3.61 -25.79
N ILE A 51 6.95 -4.96 -25.86
CA ILE A 51 8.05 -5.70 -25.25
C ILE A 51 8.86 -6.32 -26.44
N TYR A 52 10.10 -6.62 -26.15
CA TYR A 52 11.06 -7.10 -27.13
C TYR A 52 11.82 -8.31 -26.58
N PRO A 53 11.39 -9.52 -26.92
CA PRO A 53 12.09 -10.72 -26.48
C PRO A 53 13.52 -10.63 -26.99
N ALA A 54 14.49 -10.93 -26.16
CA ALA A 54 15.87 -10.76 -26.58
C ALA A 54 16.77 -11.84 -26.01
N LYS A 55 18.00 -11.90 -26.50
CA LYS A 55 18.98 -12.82 -25.94
C LYS A 55 20.29 -12.08 -25.74
N ILE A 56 21.03 -12.46 -24.71
CA ILE A 56 22.35 -11.87 -24.49
C ILE A 56 23.33 -12.45 -25.53
N ILE A 57 24.02 -11.56 -26.23
CA ILE A 57 25.01 -12.09 -27.22
C ILE A 57 26.40 -11.79 -26.72
N GLU A 58 26.51 -10.76 -25.84
CA GLU A 58 27.79 -10.46 -25.20
C GLU A 58 27.53 -9.99 -23.74
N SER A 59 28.17 -10.67 -22.79
CA SER A 59 28.09 -10.28 -21.39
C SER A 59 29.50 -9.96 -20.88
N ASN A 60 29.86 -8.68 -20.97
CA ASN A 60 31.17 -8.21 -20.61
C ASN A 60 31.20 -7.30 -19.38
N LYS A 61 32.39 -6.73 -19.19
CA LYS A 61 32.60 -5.72 -18.17
C LYS A 61 32.45 -4.35 -18.83
N LYS A 62 31.48 -3.61 -18.34
CA LYS A 62 31.05 -2.31 -18.77
C LYS A 62 30.03 -2.37 -19.89
N SER A 63 29.76 -3.56 -20.46
CA SER A 63 28.76 -3.62 -21.53
C SER A 63 28.16 -5.02 -21.71
N VAL A 64 26.87 -5.03 -21.99
CA VAL A 64 26.06 -6.18 -22.23
C VAL A 64 25.31 -5.95 -23.58
N LYS A 65 25.65 -6.78 -24.55
CA LYS A 65 25.07 -6.71 -25.89
C LYS A 65 23.96 -7.76 -26.05
N VAL A 66 22.83 -7.39 -26.60
CA VAL A 66 21.72 -8.26 -26.81
C VAL A 66 21.28 -8.27 -28.29
N GLU A 67 20.62 -9.38 -28.68
CA GLU A 67 19.94 -9.33 -29.99
C GLU A 67 18.45 -9.24 -29.69
N ILE A 68 17.70 -8.62 -30.56
CA ILE A 68 16.27 -8.44 -30.41
C ILE A 68 15.51 -9.41 -31.30
N LEU A 69 14.65 -10.23 -30.75
CA LEU A 69 13.97 -11.28 -31.47
C LEU A 69 12.58 -10.97 -31.97
N GLY A 70 11.98 -9.85 -31.55
CA GLY A 70 10.61 -9.55 -31.93
C GLY A 70 10.14 -8.25 -31.26
N ARG A 71 8.89 -7.90 -31.53
CA ARG A 71 8.28 -6.67 -31.00
C ARG A 71 6.78 -6.92 -30.90
N GLU A 72 6.26 -6.89 -29.67
CA GLU A 72 4.86 -7.16 -29.46
C GLU A 72 4.18 -6.16 -28.53
N LEU A 73 2.95 -5.84 -28.89
CA LEU A 73 2.17 -4.94 -28.02
C LEU A 73 1.83 -5.69 -26.74
N ALA A 74 2.05 -5.05 -25.61
CA ALA A 74 1.78 -5.64 -24.31
C ALA A 74 1.31 -4.55 -23.34
N ASP A 75 0.04 -4.17 -23.50
CA ASP A 75 -0.53 -3.10 -22.66
C ASP A 75 -0.88 -3.55 -21.28
N LYS A 76 -0.18 -3.04 -20.24
CA LYS A 76 -0.55 -3.39 -18.88
C LYS A 76 -1.01 -2.12 -18.14
N GLU A 77 -1.50 -1.16 -18.91
CA GLU A 77 -1.96 0.10 -18.30
C GLU A 77 -3.43 0.04 -17.91
N SER A 78 -3.79 0.82 -16.90
CA SER A 78 -5.19 0.97 -16.51
C SER A 78 -5.88 1.83 -17.58
N HIS A 79 -7.21 1.81 -17.65
CA HIS A 79 -7.87 2.76 -18.56
C HIS A 79 -8.10 4.10 -17.84
N LEU A 80 -7.89 4.16 -16.55
CA LEU A 80 -8.03 5.44 -15.81
C LEU A 80 -6.70 6.12 -15.74
N LYS A 81 -6.63 7.44 -15.97
CA LYS A 81 -5.42 8.21 -15.90
C LYS A 81 -5.29 8.81 -14.48
N ILE A 82 -4.24 8.45 -13.77
CA ILE A 82 -4.10 9.03 -12.41
C ILE A 82 -2.84 9.85 -12.37
N HIS A 83 -3.01 11.10 -11.96
CA HIS A 83 -1.86 11.98 -11.78
C HIS A 83 -1.80 12.29 -10.28
N LEU A 84 -0.75 11.82 -9.65
CA LEU A 84 -0.51 12.02 -8.24
C LEU A 84 0.34 13.27 -7.98
N GLY A 85 -0.26 14.17 -7.18
CA GLY A 85 0.48 15.34 -6.68
C GLY A 85 0.80 15.04 -5.21
N GLN A 86 2.07 14.81 -4.92
CA GLN A 86 2.45 14.28 -3.62
C GLN A 86 3.41 15.18 -2.90
N VAL A 87 2.98 15.72 -1.76
CA VAL A 87 3.80 16.65 -0.97
C VAL A 87 4.89 15.88 -0.20
N ILE A 88 6.10 16.34 -0.35
CA ILE A 88 7.28 15.88 0.34
C ILE A 88 7.27 16.44 1.79
N ARG A 93 10.32 9.48 3.62
CA ARG A 93 10.83 8.84 2.41
C ARG A 93 9.73 8.67 1.37
N MSE A 94 10.04 8.93 0.09
CA MSE A 94 9.02 8.79 -0.95
C MSE A 94 9.26 7.62 -1.90
O MSE A 94 8.47 7.40 -2.80
CB MSE A 94 8.80 10.08 -1.72
CB MSE A 94 9.03 10.08 -1.81
CG MSE A 94 7.32 10.24 -2.14
CG MSE A 94 7.68 10.41 -2.42
SE MSE A 94 7.15 11.20 -3.76
SE MSE A 94 6.67 11.61 -1.33
CE MSE A 94 7.22 13.00 -3.10
CE MSE A 94 6.36 10.54 0.21
N GLU A 95 10.35 6.90 -1.72
CA GLU A 95 10.71 5.75 -2.54
C GLU A 95 9.61 4.71 -2.59
N PHE A 96 9.07 4.43 -1.39
CA PHE A 96 7.96 3.48 -1.33
C PHE A 96 6.74 3.99 -2.05
N THR A 97 6.38 5.30 -1.84
CA THR A 97 5.25 5.81 -2.59
C THR A 97 5.46 5.70 -4.10
N ILE A 98 6.61 6.06 -4.63
CA ILE A 98 6.87 5.98 -6.07
C ILE A 98 6.72 4.52 -6.56
N GLN A 99 7.40 3.60 -5.89
CA GLN A 99 7.31 2.19 -6.32
C GLN A 99 5.92 1.66 -6.28
N LYS A 100 5.21 1.80 -5.15
CA LYS A 100 3.83 1.29 -5.12
C LYS A 100 2.90 2.00 -6.07
N SER A 101 3.02 3.30 -6.24
CA SER A 101 2.13 4.03 -7.15
C SER A 101 2.32 3.52 -8.59
N VAL A 102 3.57 3.25 -8.96
CA VAL A 102 3.84 2.69 -10.32
C VAL A 102 3.23 1.33 -10.45
N GLU A 103 3.40 0.44 -9.43
CA GLU A 103 2.78 -0.91 -9.56
C GLU A 103 1.29 -0.84 -9.71
N LEU A 104 0.69 0.15 -9.03
CA LEU A 104 -0.73 0.38 -9.01
C LEU A 104 -1.22 1.22 -10.19
N GLY A 105 -0.33 1.52 -11.14
CA GLY A 105 -0.80 2.09 -12.38
C GLY A 105 -0.81 3.59 -12.51
N VAL A 106 -0.25 4.32 -11.57
CA VAL A 106 -0.23 5.81 -11.69
C VAL A 106 0.52 6.20 -12.94
N ASN A 107 0.01 7.22 -13.64
CA ASN A 107 0.60 7.66 -14.90
C ASN A 107 1.61 8.75 -14.77
N VAL A 108 1.40 9.68 -13.84
CA VAL A 108 2.25 10.84 -13.67
C VAL A 108 2.32 11.17 -12.16
N ILE A 109 3.46 11.48 -11.67
CA ILE A 109 3.74 11.89 -10.32
C ILE A 109 4.50 13.23 -10.28
N THR A 110 3.87 14.21 -9.62
CA THR A 110 4.52 15.48 -9.36
C THR A 110 4.76 15.63 -7.86
N PRO A 111 6.00 15.65 -7.46
CA PRO A 111 6.40 15.89 -6.09
C PRO A 111 6.18 17.40 -5.80
N LEU A 112 5.74 17.63 -4.58
CA LEU A 112 5.34 19.01 -4.24
C LEU A 112 5.90 19.48 -2.92
N TRP A 113 6.12 20.81 -2.92
CA TRP A 113 6.44 21.51 -1.68
C TRP A 113 5.13 22.16 -1.24
N SER A 114 4.88 22.23 0.09
CA SER A 114 3.71 22.99 0.54
C SER A 114 4.15 23.87 1.72
N GLU A 115 3.35 24.88 2.00
CA GLU A 115 3.69 25.87 3.03
C GLU A 115 3.99 25.24 4.37
N ARG A 116 3.29 24.18 4.77
CA ARG A 116 3.54 23.55 6.06
C ARG A 116 4.24 22.21 5.99
N CYS A 117 4.86 21.85 4.87
CA CYS A 117 5.45 20.52 4.72
C CYS A 117 6.65 20.26 5.60
N GLY A 118 7.33 21.28 6.09
CA GLY A 118 8.47 21.08 6.98
C GLY A 118 9.79 21.01 6.27
N VAL A 119 9.82 21.11 4.94
CA VAL A 119 11.08 21.10 4.22
C VAL A 119 11.23 22.41 3.46
N LYS A 120 12.45 22.93 3.44
CA LYS A 120 12.72 24.18 2.76
C LYS A 120 12.64 23.96 1.25
N LEU A 121 11.92 24.85 0.57
CA LEU A 121 11.78 24.73 -0.87
C LEU A 121 13.18 24.75 -1.48
N ASP A 122 13.56 23.63 -2.10
CA ASP A 122 14.90 23.60 -2.70
C ASP A 122 14.87 22.85 -4.03
N ALA A 123 14.73 23.63 -5.09
CA ALA A 123 14.68 23.20 -6.45
C ALA A 123 15.81 22.26 -6.87
N GLU A 124 17.04 22.67 -6.58
CA GLU A 124 18.22 21.94 -6.94
C GLU A 124 18.30 20.60 -6.20
N ARG A 125 18.06 20.65 -4.89
CA ARG A 125 18.10 19.45 -4.08
C ARG A 125 17.04 18.45 -4.58
N MSE A 126 15.85 18.95 -4.86
CA MSE A 126 14.77 18.09 -5.31
C MSE A 126 15.05 17.46 -6.65
O MSE A 126 14.80 16.27 -6.86
CB MSE A 126 13.43 18.84 -5.25
CG MSE A 126 12.94 18.92 -3.78
SE MSE A 126 12.72 17.12 -3.09
CE MSE A 126 11.62 16.43 -4.49
N ASP A 127 15.68 18.21 -7.56
CA ASP A 127 16.03 17.71 -8.87
C ASP A 127 16.91 16.48 -8.78
N LYS A 128 17.90 16.44 -7.90
CA LYS A 128 18.73 15.24 -7.80
C LYS A 128 17.93 14.03 -7.35
N LYS A 129 17.14 14.17 -6.28
CA LYS A 129 16.32 13.06 -5.83
C LYS A 129 15.42 12.53 -6.94
N ILE A 130 14.77 13.41 -7.70
CA ILE A 130 13.88 13.01 -8.78
C ILE A 130 14.56 12.12 -9.80
N GLN A 131 15.85 12.34 -10.04
CA GLN A 131 16.60 11.49 -10.95
C GLN A 131 16.60 10.06 -10.40
N GLN A 132 16.91 9.95 -9.12
CA GLN A 132 16.90 8.66 -8.42
C GLN A 132 15.50 8.08 -8.37
N TRP A 133 14.47 8.90 -8.19
CA TRP A 133 13.10 8.41 -8.16
C TRP A 133 12.65 7.91 -9.53
N GLN A 134 13.13 8.59 -10.59
CA GLN A 134 12.81 8.08 -11.93
C GLN A 134 13.33 6.66 -12.10
N LYS A 135 14.48 6.33 -11.58
CA LYS A 135 15.08 5.02 -11.61
C LYS A 135 14.30 4.02 -10.77
N ILE A 136 13.73 4.51 -9.64
CA ILE A 136 12.84 3.64 -8.86
C ILE A 136 11.62 3.30 -9.71
N ALA A 137 11.11 4.28 -10.47
CA ALA A 137 9.93 4.02 -11.27
C ALA A 137 10.26 3.00 -12.40
N ILE A 138 11.39 3.21 -13.05
CA ILE A 138 11.85 2.27 -14.08
C ILE A 138 11.91 0.86 -13.52
N ALA A 139 12.51 0.64 -12.36
CA ALA A 139 12.59 -0.69 -11.76
C ALA A 139 11.23 -1.25 -11.40
N ALA A 140 10.29 -0.39 -10.98
CA ALA A 140 8.94 -0.85 -10.67
C ALA A 140 8.25 -1.36 -11.93
N CYS A 141 8.46 -0.70 -13.07
CA CYS A 141 7.86 -1.17 -14.33
C CYS A 141 8.50 -2.50 -14.77
N GLU A 142 9.79 -2.63 -14.60
CA GLU A 142 10.48 -3.92 -14.92
C GLU A 142 9.85 -5.03 -14.09
N GLN A 143 9.66 -4.79 -12.79
CA GLN A 143 9.02 -5.72 -11.89
C GLN A 143 7.58 -6.03 -12.17
N CYS A 144 6.70 -5.05 -12.28
CA CYS A 144 5.28 -5.26 -12.40
C CYS A 144 4.77 -5.49 -13.80
N GLY A 145 5.62 -5.39 -14.82
CA GLY A 145 5.18 -5.66 -16.18
C GLY A 145 4.75 -4.50 -17.01
N ARG A 146 4.61 -3.29 -16.46
CA ARG A 146 4.22 -2.12 -17.22
C ARG A 146 5.28 -1.74 -18.26
N ASN A 147 4.78 -1.44 -19.45
CA ASN A 147 5.57 -1.19 -20.63
C ASN A 147 5.55 0.26 -21.06
N ILE A 148 4.89 1.09 -20.25
CA ILE A 148 4.94 2.55 -20.28
C ILE A 148 5.47 3.05 -18.93
N VAL A 149 6.52 3.84 -18.88
CA VAL A 149 7.12 4.30 -17.63
C VAL A 149 6.60 5.65 -17.20
N PRO A 150 5.95 5.79 -16.06
CA PRO A 150 5.46 7.09 -15.63
C PRO A 150 6.57 8.10 -15.45
N GLU A 151 6.22 9.35 -15.73
CA GLU A 151 7.12 10.46 -15.54
C GLU A 151 7.03 11.00 -14.08
N ILE A 152 8.17 11.24 -13.49
CA ILE A 152 8.33 11.92 -12.22
C ILE A 152 8.71 13.39 -12.60
N ARG A 153 7.77 14.28 -12.42
CA ARG A 153 7.97 15.66 -12.82
C ARG A 153 8.83 16.43 -11.86
N PRO A 154 9.25 17.63 -12.29
CA PRO A 154 10.05 18.49 -11.45
C PRO A 154 9.23 18.95 -10.25
N LEU A 155 9.90 19.17 -9.14
CA LEU A 155 9.29 19.69 -7.92
C LEU A 155 8.48 20.96 -8.26
N MSE A 156 7.29 21.09 -7.71
CA MSE A 156 6.45 22.24 -7.85
C MSE A 156 5.86 22.62 -6.48
O MSE A 156 5.64 21.73 -5.67
CB MSE A 156 5.19 21.90 -8.68
CG MSE A 156 5.49 21.83 -10.16
SE MSE A 156 3.83 21.65 -11.08
CE MSE A 156 3.28 23.53 -11.01
N LYS A 157 5.48 23.89 -6.35
CA LYS A 157 4.70 24.27 -5.13
C LYS A 157 3.30 23.74 -5.25
N LEU A 158 2.63 23.41 -4.16
CA LEU A 158 1.29 22.84 -4.17
C LEU A 158 0.30 23.81 -4.79
N GLN A 159 0.49 25.12 -4.48
CA GLN A 159 -0.51 26.03 -5.10
C GLN A 159 -0.39 26.07 -6.60
N ASP A 160 0.81 26.00 -7.19
CA ASP A 160 0.93 26.06 -8.63
C ASP A 160 0.41 24.77 -9.26
N TRP A 161 0.69 23.62 -8.60
CA TRP A 161 0.17 22.35 -9.15
C TRP A 161 -1.33 22.35 -9.21
N CYS A 162 -2.00 22.89 -8.17
CA CYS A 162 -3.41 22.96 -8.11
C CYS A 162 -4.04 23.78 -9.26
N ALA A 163 -3.26 24.66 -9.84
CA ALA A 163 -3.76 25.57 -10.88
C ALA A 163 -3.58 25.02 -12.28
N GLU A 164 -2.89 23.88 -12.41
CA GLU A 164 -2.72 23.25 -13.74
C GLU A 164 -4.07 22.73 -14.19
N ASN A 165 -4.37 22.87 -15.48
CA ASN A 165 -5.65 22.50 -16.04
C ASN A 165 -5.49 21.64 -17.28
N ASP A 166 -5.75 20.35 -17.15
CA ASP A 166 -5.61 19.46 -18.30
C ASP A 166 -6.77 18.49 -18.40
N GLY A 167 -7.97 18.93 -18.06
CA GLY A 167 -9.16 18.14 -18.14
C GLY A 167 -9.36 17.12 -17.00
N ALA A 168 -8.51 17.10 -15.99
CA ALA A 168 -8.63 16.03 -14.97
C ALA A 168 -9.45 16.51 -13.79
N LEU A 169 -10.12 15.59 -13.12
CA LEU A 169 -10.90 15.82 -11.92
C LEU A 169 -9.98 16.01 -10.73
N LYS A 170 -10.06 17.14 -10.07
CA LYS A 170 -9.19 17.49 -8.96
C LYS A 170 -9.76 17.00 -7.63
N LEU A 171 -8.97 16.19 -6.92
CA LEU A 171 -9.35 15.59 -5.66
C LEU A 171 -8.38 15.89 -4.54
N ASN A 172 -8.94 16.03 -3.34
CA ASN A 172 -8.11 16.16 -2.14
C ASN A 172 -8.92 15.67 -0.93
N LEU A 173 -8.21 15.07 -0.01
CA LEU A 173 -8.79 14.60 1.24
C LEU A 173 -9.11 15.72 2.20
N HIS A 174 -10.29 15.63 2.83
CA HIS A 174 -10.72 16.61 3.84
C HIS A 174 -11.85 16.01 4.66
N PRO A 175 -11.77 16.12 5.99
CA PRO A 175 -12.76 15.53 6.87
C PRO A 175 -14.14 16.07 6.68
N ARG A 176 -14.32 17.29 6.18
CA ARG A 176 -15.64 17.87 5.93
C ARG A 176 -16.34 17.33 4.70
N ALA A 177 -15.62 16.58 3.87
CA ALA A 177 -16.14 16.14 2.59
C ALA A 177 -17.36 15.24 2.67
N HIS A 178 -18.21 15.35 1.66
CA HIS A 178 -19.38 14.51 1.49
C HIS A 178 -19.02 13.22 0.75
N TYR A 179 -18.53 13.36 -0.49
CA TYR A 179 -18.26 12.19 -1.29
C TYR A 179 -17.08 11.34 -0.78
N SER A 180 -17.17 10.08 -1.14
CA SER A 180 -16.02 9.17 -0.90
C SER A 180 -15.50 8.93 -2.33
N ILE A 181 -14.41 8.20 -2.49
CA ILE A 181 -13.96 7.85 -3.83
C ILE A 181 -14.99 7.02 -4.57
N LYS A 182 -15.63 6.10 -3.85
CA LYS A 182 -16.64 5.23 -4.46
C LYS A 182 -17.84 5.98 -5.01
N THR A 183 -18.22 7.09 -4.37
CA THR A 183 -19.43 7.80 -4.82
C THR A 183 -19.15 8.97 -5.73
N LEU A 184 -17.92 9.10 -6.27
CA LEU A 184 -17.63 10.20 -7.19
C LEU A 184 -18.54 10.04 -8.41
N PRO A 185 -19.31 11.09 -8.68
CA PRO A 185 -20.29 11.08 -9.73
C PRO A 185 -19.72 11.13 -11.13
N THR A 186 -18.60 11.81 -11.33
CA THR A 186 -18.08 12.03 -12.67
C THR A 186 -16.59 11.85 -12.82
N ILE A 187 -16.16 10.98 -13.73
CA ILE A 187 -14.75 10.86 -14.04
C ILE A 187 -14.56 11.35 -15.49
N PRO A 188 -13.89 12.46 -15.67
CA PRO A 188 -13.76 13.05 -17.00
C PRO A 188 -12.69 12.40 -17.83
N ALA A 189 -12.61 12.87 -19.08
CA ALA A 189 -11.69 12.37 -20.07
C ALA A 189 -10.25 12.30 -19.60
N GLY A 190 -9.75 13.37 -19.03
CA GLY A 190 -8.45 13.60 -18.53
C GLY A 190 -8.11 12.91 -17.21
N GLY A 191 -9.00 12.06 -16.72
CA GLY A 191 -8.71 11.25 -15.53
C GLY A 191 -8.75 12.08 -14.25
N VAL A 192 -7.91 11.69 -13.30
CA VAL A 192 -7.91 12.32 -11.96
C VAL A 192 -6.58 12.94 -11.63
N ARG A 193 -6.61 14.03 -10.91
CA ARG A 193 -5.47 14.67 -10.30
C ARG A 193 -5.68 14.52 -8.78
N LEU A 194 -4.89 13.62 -8.19
CA LEU A 194 -5.07 13.33 -6.74
C LEU A 194 -4.05 14.05 -5.93
N LEU A 195 -4.46 14.96 -5.02
CA LEU A 195 -3.52 15.64 -4.15
C LEU A 195 -3.43 14.89 -2.79
N ILE A 196 -2.24 14.53 -2.39
CA ILE A 196 -1.97 13.92 -1.08
C ILE A 196 -1.06 14.90 -0.35
N GLY A 197 -1.54 15.54 0.72
CA GLY A 197 -0.70 16.55 1.38
C GLY A 197 0.07 15.97 2.56
N SER A 198 1.00 16.74 3.13
CA SER A 198 1.82 16.26 4.23
C SER A 198 1.08 16.29 5.56
N GLU A 199 1.73 15.75 6.60
CA GLU A 199 1.08 15.72 7.92
C GLU A 199 0.70 17.10 8.42
N GLY A 200 1.45 18.14 8.03
CA GLY A 200 1.21 19.51 8.41
C GLY A 200 -0.04 20.14 7.86
N GLY A 201 -0.74 19.46 6.96
CA GLY A 201 -1.95 19.95 6.35
C GLY A 201 -1.67 21.13 5.42
N LEU A 202 -2.76 21.72 4.95
CA LEU A 202 -2.75 22.83 4.05
C LEU A 202 -2.83 24.18 4.75
N SER A 203 -2.06 25.13 4.22
CA SER A 203 -2.15 26.51 4.74
C SER A 203 -3.51 27.07 4.39
N ALA A 204 -3.85 28.23 5.00
CA ALA A 204 -5.13 28.86 4.67
C ALA A 204 -5.20 29.23 3.18
N GLN A 205 -4.14 29.76 2.62
CA GLN A 205 -4.09 30.15 1.23
C GLN A 205 -4.19 28.94 0.27
N GLU A 206 -3.62 27.81 0.68
CA GLU A 206 -3.73 26.57 -0.16
C GLU A 206 -5.15 26.03 -0.11
N ILE A 207 -5.79 26.13 1.07
CA ILE A 207 -7.18 25.68 1.17
C ILE A 207 -8.05 26.50 0.24
N ALA A 208 -7.82 27.83 0.28
CA ALA A 208 -8.61 28.73 -0.58
C ALA A 208 -8.34 28.43 -2.06
N GLN A 209 -7.09 28.08 -2.36
CA GLN A 209 -6.74 27.67 -3.72
C GLN A 209 -7.45 26.41 -4.14
N THR A 210 -7.50 25.37 -3.27
CA THR A 210 -8.25 24.17 -3.69
C THR A 210 -9.70 24.50 -3.94
N GLU A 211 -10.18 25.51 -3.17
CA GLU A 211 -11.58 25.90 -3.33
C GLU A 211 -11.74 26.66 -4.65
N GLN A 212 -10.80 27.54 -4.87
CA GLN A 212 -10.78 28.42 -6.04
C GLN A 212 -10.71 27.59 -7.31
N GLN A 213 -9.99 26.48 -7.26
CA GLN A 213 -9.77 25.57 -8.36
C GLN A 213 -10.81 24.49 -8.51
N GLY A 214 -11.88 24.47 -7.76
CA GLY A 214 -12.98 23.58 -7.85
C GLY A 214 -12.66 22.14 -7.44
N PHE A 215 -11.75 21.95 -6.50
CA PHE A 215 -11.41 20.57 -6.08
C PHE A 215 -12.64 19.89 -5.50
N THR A 216 -12.75 18.58 -5.70
CA THR A 216 -13.77 17.77 -5.07
C THR A 216 -13.12 17.12 -3.84
N GLU A 217 -13.64 17.46 -2.65
CA GLU A 217 -13.08 16.88 -1.43
C GLU A 217 -13.63 15.50 -1.23
N ILE A 218 -12.83 14.59 -0.66
CA ILE A 218 -13.26 13.20 -0.51
C ILE A 218 -12.93 12.69 0.90
N LEU A 219 -13.75 11.75 1.38
CA LEU A 219 -13.43 11.06 2.62
C LEU A 219 -12.68 9.75 2.25
N LEU A 220 -11.99 9.18 3.18
CA LEU A 220 -11.26 7.93 3.03
C LEU A 220 -11.30 7.15 4.35
N GLY A 221 -12.48 6.91 4.91
CA GLY A 221 -12.60 6.11 6.13
C GLY A 221 -12.44 6.91 7.41
N LYS A 222 -12.75 6.22 8.53
CA LYS A 222 -12.78 6.70 9.87
C LYS A 222 -11.42 6.79 10.55
N ARG A 223 -10.43 6.06 10.07
CA ARG A 223 -9.12 6.04 10.69
C ARG A 223 -8.12 7.03 10.14
N VAL A 224 -7.26 7.53 11.02
CA VAL A 224 -6.19 8.42 10.60
C VAL A 224 -5.09 7.68 9.87
N LEU A 225 -4.84 8.06 8.61
CA LEU A 225 -3.82 7.36 7.83
C LEU A 225 -2.53 8.11 7.71
N ARG A 226 -1.40 7.42 7.82
CA ARG A 226 -0.11 8.04 7.50
C ARG A 226 -0.16 8.41 5.99
N THR A 227 0.61 9.40 5.60
CA THR A 227 0.72 9.83 4.22
C THR A 227 0.89 8.73 3.18
N GLU A 228 1.88 7.87 3.34
CA GLU A 228 2.13 6.75 2.45
C GLU A 228 0.87 5.90 2.31
N THR A 229 0.21 5.58 3.43
CA THR A 229 -0.96 4.70 3.38
C THR A 229 -2.12 5.35 2.67
N ALA A 230 -2.33 6.65 2.95
CA ALA A 230 -3.39 7.39 2.35
C ALA A 230 -3.24 7.47 0.83
N SER A 231 -2.01 7.67 0.35
CA SER A 231 -1.86 7.74 -1.12
C SER A 231 -2.09 6.39 -1.78
N LEU A 232 -1.49 5.32 -1.25
CA LEU A 232 -1.69 4.00 -1.82
C LEU A 232 -3.11 3.53 -1.74
N ALA A 233 -3.79 3.77 -0.60
CA ALA A 233 -5.20 3.43 -0.48
C ALA A 233 -6.07 4.23 -1.42
N ALA A 234 -5.83 5.53 -1.58
CA ALA A 234 -6.69 6.30 -2.52
C ALA A 234 -6.48 5.83 -3.95
N ILE A 235 -5.23 5.53 -4.31
CA ILE A 235 -4.92 5.04 -5.66
C ILE A 235 -5.61 3.70 -5.89
N SER A 236 -5.51 2.84 -4.85
CA SER A 236 -6.18 1.54 -5.01
C SER A 236 -7.67 1.73 -5.19
N ALA A 237 -8.27 2.62 -4.40
CA ALA A 237 -9.66 2.94 -4.43
C ALA A 237 -10.11 3.53 -5.74
N LEU A 238 -9.27 4.38 -6.36
CA LEU A 238 -9.61 4.87 -7.71
C LEU A 238 -9.57 3.76 -8.75
N GLN A 239 -8.56 2.93 -8.71
CA GLN A 239 -8.37 1.85 -9.66
C GLN A 239 -9.44 0.79 -9.56
N ILE A 240 -9.91 0.50 -8.34
CA ILE A 240 -10.95 -0.54 -8.24
C ILE A 240 -12.30 0.03 -8.67
N CYS A 241 -12.53 1.32 -8.42
CA CYS A 241 -13.81 1.91 -8.76
C CYS A 241 -13.90 2.30 -10.23
N PHE A 242 -12.85 2.96 -10.74
CA PHE A 242 -12.89 3.47 -12.10
C PHE A 242 -11.74 3.01 -12.96
N GLY A 243 -10.90 2.10 -12.50
CA GLY A 243 -9.71 1.72 -13.25
C GLY A 243 -9.69 0.24 -13.58
N ASP A 244 -8.50 -0.34 -13.74
CA ASP A 244 -8.44 -1.72 -14.17
C ASP A 244 -8.45 -2.73 -13.05
N LEU A 245 -8.32 -2.31 -11.79
CA LEU A 245 -8.36 -3.23 -10.66
C LEU A 245 -9.70 -3.90 -10.50
N GLY A 246 -10.81 -3.24 -10.81
CA GLY A 246 -12.13 -3.78 -10.69
C GLY A 246 -12.61 -4.58 -11.88
N GLU A 247 -11.84 -4.69 -12.94
CA GLU A 247 -12.29 -5.40 -14.15
C GLU A 247 -12.27 -6.89 -13.94
N GLU A 248 -13.20 -7.61 -14.54
CA GLU A 248 -13.33 -9.03 -14.43
C GLU A 248 -12.49 -9.80 -15.46
N GLY A 249 -12.44 -11.11 -15.29
CA GLY A 249 -11.68 -11.97 -16.21
C GLY A 249 -12.34 -11.96 -17.60
N ILE B 5 -1.44 14.96 23.27
CA ILE B 5 -2.55 14.10 23.65
C ILE B 5 -2.36 12.70 23.09
N PRO B 6 -1.19 12.13 23.37
CA PRO B 6 -0.84 10.82 22.88
C PRO B 6 -1.82 9.74 23.29
N ARG B 7 -2.04 8.79 22.40
CA ARG B 7 -2.91 7.64 22.61
C ARG B 7 -2.08 6.48 23.15
N ILE B 8 -2.56 5.81 24.21
CA ILE B 8 -1.71 4.82 24.88
C ILE B 8 -2.54 3.61 25.25
N TYR B 9 -2.08 2.47 24.72
CA TYR B 9 -2.70 1.20 24.93
C TYR B 9 -2.42 0.66 26.37
N HIS B 10 -3.45 0.17 26.98
CA HIS B 10 -3.37 -0.46 28.32
C HIS B 10 -3.82 -1.90 28.19
N PRO B 11 -2.94 -2.83 28.55
CA PRO B 11 -3.18 -4.25 28.40
C PRO B 11 -4.20 -4.90 29.29
N ILE B 12 -4.89 -4.19 30.14
CA ILE B 12 -5.87 -4.68 31.08
C ILE B 12 -7.12 -3.80 31.08
N SER B 13 -8.32 -4.34 31.28
CA SER B 13 -9.51 -3.53 31.31
C SER B 13 -9.37 -2.35 32.28
N LEU B 14 -10.31 -1.41 32.13
CA LEU B 14 -10.35 -0.19 32.92
C LEU B 14 -11.79 0.27 33.08
N GLU B 15 -12.77 -0.62 32.88
CA GLU B 15 -14.17 -0.27 32.96
C GLU B 15 -14.64 0.42 34.22
N ASN B 16 -13.96 0.35 35.34
CA ASN B 16 -14.33 1.03 36.56
C ASN B 16 -13.09 1.35 37.39
N GLN B 17 -11.99 1.64 36.68
CA GLN B 17 -10.77 1.99 37.41
C GLN B 17 -10.77 3.50 37.65
N THR B 18 -9.94 3.94 38.59
CA THR B 18 -9.88 5.37 38.92
C THR B 18 -8.45 5.83 38.75
N GLN B 19 -7.56 4.83 38.68
CA GLN B 19 -6.15 5.04 38.50
C GLN B 19 -5.49 3.72 38.14
N CYS B 20 -4.36 3.78 37.48
CA CYS B 20 -3.63 2.57 37.10
C CYS B 20 -2.17 2.92 36.76
N TYR B 21 -1.33 1.92 36.69
CA TYR B 21 0.06 2.09 36.25
C TYR B 21 0.12 1.57 34.80
N LEU B 22 1.03 2.12 34.01
CA LEU B 22 1.12 1.73 32.60
C LEU B 22 2.24 0.71 32.39
N SER B 23 2.10 -0.10 31.36
CA SER B 23 3.06 -1.13 31.00
C SER B 23 4.49 -0.61 30.92
N GLU B 24 5.46 -1.53 30.82
CA GLU B 24 6.86 -1.14 30.69
C GLU B 24 7.08 -0.29 29.43
N ASP B 25 6.54 -0.77 28.31
CA ASP B 25 6.65 -0.07 27.04
C ASP B 25 5.91 1.26 27.04
N ALA B 26 4.75 1.32 27.69
CA ALA B 26 4.01 2.59 27.75
C ALA B 26 4.81 3.61 28.56
N ALA B 27 5.12 3.24 29.79
CA ALA B 27 5.90 4.02 30.71
C ALA B 27 7.21 4.51 30.12
N ASN B 28 8.01 3.60 29.59
CA ASN B 28 9.29 3.88 28.96
C ASN B 28 9.17 4.86 27.80
N HIS B 29 8.02 4.93 27.18
CA HIS B 29 7.72 5.81 26.07
C HIS B 29 7.05 7.09 26.57
N VAL B 30 6.30 6.94 27.65
CA VAL B 30 5.58 8.06 28.24
C VAL B 30 6.48 8.99 29.03
N ALA B 31 7.28 8.47 29.94
CA ALA B 31 8.14 9.34 30.75
C ALA B 31 9.55 9.44 30.23
N ARG B 32 10.04 8.38 29.59
CA ARG B 32 11.41 8.35 29.12
C ARG B 32 11.65 8.90 27.73
N VAL B 33 10.89 8.46 26.73
CA VAL B 33 11.18 8.93 25.37
C VAL B 33 10.49 10.26 25.11
N LEU B 34 9.26 10.37 25.59
CA LEU B 34 8.46 11.58 25.44
C LEU B 34 8.65 12.54 26.61
N ARG B 35 9.52 12.22 27.55
CA ARG B 35 9.76 13.08 28.70
C ARG B 35 8.50 13.81 29.14
N MSE B 36 7.41 13.08 29.34
CA MSE B 36 6.15 13.68 29.74
C MSE B 36 6.13 13.78 31.27
O MSE B 36 6.75 12.96 31.94
CB MSE B 36 4.94 12.89 29.26
CG MSE B 36 4.57 13.07 27.80
SE MSE B 36 2.88 12.33 27.30
CE MSE B 36 1.68 13.63 27.97
N THR B 37 5.46 14.81 31.80
CA THR B 37 5.45 14.98 33.25
C THR B 37 4.05 15.17 33.82
N GLU B 38 3.96 14.95 35.13
CA GLU B 38 2.77 15.07 35.92
C GLU B 38 1.83 16.14 35.41
N GLY B 39 0.53 15.85 35.42
CA GLY B 39 -0.46 16.79 34.98
C GLY B 39 -0.85 16.73 33.52
N GLU B 40 0.00 16.26 32.62
CA GLU B 40 -0.33 16.24 31.20
C GLU B 40 -1.45 15.25 30.88
N GLN B 41 -2.08 15.43 29.72
CA GLN B 41 -3.20 14.60 29.31
C GLN B 41 -2.78 13.41 28.46
N LEU B 42 -3.51 12.31 28.64
CA LEU B 42 -3.32 11.07 27.88
C LEU B 42 -4.69 10.58 27.44
N GLU B 43 -4.73 9.73 26.43
CA GLU B 43 -5.97 9.10 25.98
C GLU B 43 -5.72 7.58 26.00
N LEU B 44 -5.99 6.97 27.13
CA LEU B 44 -5.74 5.54 27.25
C LEU B 44 -6.79 4.73 26.53
N PHE B 45 -6.41 3.55 26.04
CA PHE B 45 -7.38 2.65 25.42
C PHE B 45 -7.01 1.22 25.84
N ASP B 46 -8.04 0.42 26.08
CA ASP B 46 -7.78 -0.90 26.65
C ASP B 46 -8.14 -2.05 25.75
N GLY B 47 -8.73 -1.79 24.60
CA GLY B 47 -9.10 -2.85 23.66
C GLY B 47 -10.59 -3.09 23.69
N SER B 48 -11.33 -2.25 24.42
CA SER B 48 -12.77 -2.41 24.57
C SER B 48 -13.56 -1.50 23.68
N ASN B 49 -12.90 -0.79 22.79
CA ASN B 49 -13.47 0.14 21.83
C ASN B 49 -13.87 1.43 22.55
N HIS B 50 -13.31 1.61 23.75
CA HIS B 50 -13.49 2.75 24.59
C HIS B 50 -12.15 3.43 24.87
N ILE B 51 -12.24 4.75 24.97
CA ILE B 51 -11.06 5.53 25.30
C ILE B 51 -11.24 6.14 26.71
N TYR B 52 -10.10 6.43 27.32
CA TYR B 52 -10.05 6.93 28.68
C TYR B 52 -9.22 8.17 28.84
N PRO B 53 -9.82 9.34 28.83
CA PRO B 53 -9.08 10.58 29.08
C PRO B 53 -8.36 10.46 30.41
N ALA B 54 -7.04 10.61 30.44
CA ALA B 54 -6.32 10.47 31.71
C ALA B 54 -5.50 11.72 32.01
N LYS B 55 -4.84 11.71 33.16
CA LYS B 55 -3.96 12.79 33.59
C LYS B 55 -2.73 12.16 34.24
N ILE B 56 -1.59 12.33 33.61
CA ILE B 56 -0.36 11.65 33.91
C ILE B 56 0.28 11.93 35.23
N ILE B 57 -0.35 11.49 36.32
CA ILE B 57 0.17 11.63 37.68
C ILE B 57 1.48 10.89 37.85
N VAL B 64 4.56 4.87 35.31
CA VAL B 64 3.81 6.09 35.50
C VAL B 64 2.37 5.78 35.92
N LYS B 65 1.83 6.53 36.87
CA LYS B 65 0.45 6.30 37.30
C LYS B 65 -0.46 7.36 36.71
N VAL B 66 -1.73 7.04 36.46
CA VAL B 66 -2.64 8.00 35.89
C VAL B 66 -4.00 8.01 36.56
N GLU B 67 -4.73 9.09 36.36
CA GLU B 67 -6.09 9.23 36.87
C GLU B 67 -7.07 9.15 35.70
N ILE B 68 -8.06 8.26 35.83
CA ILE B 68 -9.05 8.07 34.77
C ILE B 68 -10.21 9.03 35.00
N LEU B 69 -10.46 9.90 34.03
CA LEU B 69 -11.48 10.93 34.20
C LEU B 69 -12.71 10.65 33.38
N GLY B 70 -12.78 9.45 32.79
CA GLY B 70 -13.93 9.12 31.95
C GLY B 70 -13.70 7.94 31.02
N ARG B 71 -14.77 7.58 30.34
CA ARG B 71 -14.82 6.46 29.40
C ARG B 71 -15.91 6.75 28.35
N GLU B 72 -15.48 6.95 27.12
CA GLU B 72 -16.33 7.25 26.00
C GLU B 72 -16.25 6.15 24.93
N LEU B 73 -17.31 5.96 24.19
CA LEU B 73 -17.34 5.01 23.08
C LEU B 73 -16.66 5.70 21.88
N ALA B 74 -15.65 5.08 21.30
CA ALA B 74 -14.92 5.67 20.17
C ALA B 74 -14.65 4.60 19.11
N ASP B 75 -15.72 4.22 18.41
CA ASP B 75 -15.67 3.16 17.42
C ASP B 75 -15.07 3.61 16.09
N LYS B 76 -13.84 3.15 15.85
CA LYS B 76 -13.14 3.48 14.61
C LYS B 76 -12.97 2.23 13.74
N GLU B 77 -13.83 1.25 13.95
CA GLU B 77 -13.77 -0.01 13.24
C GLU B 77 -14.64 -0.04 12.00
N SER B 78 -14.16 -0.78 10.99
CA SER B 78 -15.02 -0.95 9.80
C SER B 78 -16.06 -2.00 10.12
N HIS B 79 -17.19 -2.05 9.45
CA HIS B 79 -18.21 -3.04 9.60
C HIS B 79 -17.85 -4.35 8.87
N LEU B 80 -16.87 -4.25 7.99
CA LEU B 80 -16.37 -5.37 7.25
C LEU B 80 -15.25 -6.05 8.04
N LYS B 81 -15.43 -7.33 8.25
CA LYS B 81 -14.36 -8.07 8.98
C LYS B 81 -13.37 -8.65 7.97
N ILE B 82 -12.12 -8.27 8.08
CA ILE B 82 -11.07 -8.81 7.20
C ILE B 82 -10.07 -9.60 8.02
N HIS B 83 -9.94 -10.90 7.70
CA HIS B 83 -8.91 -11.74 8.32
C HIS B 83 -7.82 -11.95 7.26
N LEU B 84 -6.61 -11.49 7.51
CA LEU B 84 -5.55 -11.63 6.50
C LEU B 84 -4.67 -12.85 6.82
N GLY B 85 -4.53 -13.71 5.87
CA GLY B 85 -3.59 -14.87 5.98
C GLY B 85 -2.42 -14.50 5.02
N GLN B 86 -1.31 -14.10 5.59
CA GLN B 86 -0.16 -13.58 4.82
C GLN B 86 1.02 -14.50 4.89
N VAL B 87 1.46 -15.09 3.79
CA VAL B 87 2.62 -16.00 3.83
C VAL B 87 3.89 -15.21 4.06
N ILE B 88 4.75 -15.63 4.98
CA ILE B 88 5.98 -14.94 5.29
C ILE B 88 7.01 -15.15 4.18
N SER B 89 8.16 -14.50 4.32
CA SER B 89 9.26 -14.63 3.38
C SER B 89 10.58 -14.17 3.98
N ARG B 90 11.62 -14.29 3.15
CA ARG B 90 12.96 -13.86 3.55
C ARG B 90 12.99 -12.39 3.92
N ARG B 93 9.07 -6.05 4.82
CA ARG B 93 8.55 -7.38 5.12
C ARG B 93 7.21 -7.29 5.83
N MSE B 94 6.99 -8.12 6.85
CA MSE B 94 5.74 -8.21 7.55
C MSE B 94 5.39 -6.95 8.33
O MSE B 94 4.22 -6.60 8.48
CB MSE B 94 5.78 -9.41 8.54
CG MSE B 94 4.46 -9.62 9.26
SE MSE B 94 3.09 -10.28 8.09
CE MSE B 94 3.68 -12.11 7.95
N GLU B 95 6.39 -6.32 8.89
CA GLU B 95 6.31 -5.09 9.67
C GLU B 95 5.44 -4.06 8.97
N PHE B 96 5.87 -3.73 7.74
CA PHE B 96 5.12 -2.80 6.91
C PHE B 96 3.70 -3.26 6.72
N THR B 97 3.52 -4.54 6.33
CA THR B 97 2.19 -5.07 6.13
C THR B 97 1.31 -4.94 7.35
N ILE B 98 1.78 -5.40 8.50
CA ILE B 98 1.03 -5.27 9.74
C ILE B 98 0.57 -3.80 9.95
N GLN B 99 1.50 -2.89 9.89
CA GLN B 99 1.23 -1.48 10.16
C GLN B 99 0.17 -0.88 9.27
N LYS B 100 0.38 -1.03 7.95
CA LYS B 100 -0.62 -0.55 7.00
C LYS B 100 -1.90 -1.32 7.07
N SER B 101 -1.83 -2.65 7.30
CA SER B 101 -3.09 -3.39 7.35
C SER B 101 -3.91 -2.90 8.57
N VAL B 102 -3.22 -2.63 9.67
CA VAL B 102 -3.95 -2.13 10.88
C VAL B 102 -4.61 -0.80 10.56
N GLU B 103 -3.85 0.09 9.90
CA GLU B 103 -4.38 1.38 9.51
C GLU B 103 -5.61 1.25 8.64
N LEU B 104 -5.61 0.27 7.77
CA LEU B 104 -6.69 -0.03 6.87
C LEU B 104 -7.81 -0.87 7.45
N GLY B 105 -7.82 -1.12 8.77
CA GLY B 105 -8.92 -1.72 9.45
C GLY B 105 -8.93 -3.23 9.58
N VAL B 106 -7.86 -3.91 9.23
CA VAL B 106 -7.86 -5.39 9.30
C VAL B 106 -8.20 -5.85 10.72
N ASN B 107 -9.00 -6.91 10.82
CA ASN B 107 -9.34 -7.37 12.17
C ASN B 107 -8.42 -8.42 12.73
N VAL B 108 -8.00 -9.39 11.94
CA VAL B 108 -7.19 -10.52 12.35
C VAL B 108 -6.10 -10.76 11.30
N ILE B 109 -4.89 -10.97 11.71
CA ILE B 109 -3.80 -11.31 10.82
C ILE B 109 -3.16 -12.65 11.31
N THR B 110 -3.13 -13.60 10.41
CA THR B 110 -2.43 -14.87 10.69
C THR B 110 -1.23 -15.01 9.75
N PRO B 111 -0.02 -15.00 10.26
CA PRO B 111 1.18 -15.25 9.47
C PRO B 111 1.26 -16.69 9.06
N LEU B 112 1.62 -16.97 7.82
CA LEU B 112 1.59 -18.32 7.31
C LEU B 112 2.92 -18.77 6.73
N TRP B 113 3.03 -20.11 6.76
CA TRP B 113 4.13 -20.81 6.19
C TRP B 113 3.58 -21.56 4.94
N SER B 114 4.35 -21.51 3.87
CA SER B 114 3.85 -22.19 2.65
C SER B 114 5.03 -22.97 2.05
N GLU B 115 4.72 -23.94 1.18
CA GLU B 115 5.75 -24.82 0.67
C GLU B 115 6.88 -24.06 -0.02
N ARG B 116 6.57 -22.98 -0.75
CA ARG B 116 7.63 -22.24 -1.42
C ARG B 116 7.97 -20.92 -0.76
N CYS B 117 7.55 -20.70 0.48
CA CYS B 117 7.76 -19.45 1.16
C CYS B 117 9.23 -19.13 1.42
N GLY B 118 10.05 -20.17 1.58
CA GLY B 118 11.47 -20.04 1.75
C GLY B 118 11.97 -19.90 3.16
N VAL B 119 11.10 -19.80 4.15
CA VAL B 119 11.51 -19.66 5.54
C VAL B 119 11.31 -20.99 6.26
N LYS B 120 12.19 -21.33 7.20
CA LYS B 120 12.03 -22.63 7.84
C LYS B 120 11.14 -22.62 9.07
N LEU B 121 10.36 -23.68 9.15
CA LEU B 121 9.38 -23.90 10.20
C LEU B 121 9.97 -24.75 11.32
N ASP B 122 9.72 -24.35 12.56
CA ASP B 122 10.16 -25.13 13.72
C ASP B 122 9.09 -25.08 14.82
N ALA B 123 9.23 -25.88 15.84
CA ALA B 123 8.32 -25.94 16.96
C ALA B 123 7.97 -24.60 17.57
N GLU B 124 8.88 -23.64 17.65
CA GLU B 124 8.63 -22.35 18.28
C GLU B 124 7.60 -21.55 17.50
N ARG B 125 7.51 -21.79 16.20
CA ARG B 125 6.55 -21.15 15.32
C ARG B 125 6.66 -19.65 15.22
N MSE B 126 7.87 -19.11 15.28
CA MSE B 126 8.13 -17.70 15.22
C MSE B 126 7.46 -16.93 16.35
O MSE B 126 7.24 -15.70 16.22
CB MSE B 126 7.67 -17.11 13.88
CG MSE B 126 8.43 -17.66 12.68
SE MSE B 126 7.86 -16.78 11.07
CE MSE B 126 8.72 -15.09 11.31
N ASP B 127 7.22 -17.57 17.49
CA ASP B 127 6.51 -16.94 18.59
C ASP B 127 7.18 -15.65 19.04
N LYS B 128 8.50 -15.57 19.06
CA LYS B 128 9.13 -14.29 19.46
C LYS B 128 8.91 -13.19 18.45
N LYS B 129 8.96 -13.48 17.15
CA LYS B 129 8.72 -12.47 16.13
C LYS B 129 7.29 -11.95 16.21
N ILE B 130 6.36 -12.87 16.33
CA ILE B 130 4.94 -12.52 16.46
C ILE B 130 4.71 -11.59 17.62
N GLN B 131 5.39 -11.75 18.75
CA GLN B 131 5.33 -10.77 19.82
C GLN B 131 5.77 -9.40 19.34
N GLN B 132 6.87 -9.31 18.59
CA GLN B 132 7.23 -7.98 18.03
C GLN B 132 6.15 -7.48 17.10
N TRP B 133 5.55 -8.33 16.25
CA TRP B 133 4.51 -7.88 15.35
C TRP B 133 3.27 -7.41 16.10
N GLN B 134 2.96 -8.02 17.24
CA GLN B 134 1.82 -7.59 18.04
C GLN B 134 2.01 -6.15 18.53
N LYS B 135 3.23 -5.76 18.82
CA LYS B 135 3.51 -4.39 19.31
C LYS B 135 3.40 -3.39 18.20
N ILE B 136 3.76 -3.84 17.00
CA ILE B 136 3.60 -3.00 15.80
C ILE B 136 2.12 -2.68 15.70
N ALA B 137 1.27 -3.71 15.80
CA ALA B 137 -0.17 -3.56 15.72
C ALA B 137 -0.65 -2.51 16.74
N ILE B 138 -0.27 -2.77 17.99
CA ILE B 138 -0.66 -1.85 19.08
C ILE B 138 -0.21 -0.42 18.74
N ALA B 139 1.02 -0.21 18.37
CA ALA B 139 1.50 1.14 18.02
C ALA B 139 0.73 1.72 16.85
N ALA B 140 0.35 0.90 15.86
CA ALA B 140 -0.47 1.39 14.72
C ALA B 140 -1.88 1.75 15.16
N CYS B 141 -2.43 1.06 16.15
CA CYS B 141 -3.75 1.45 16.68
C CYS B 141 -3.62 2.78 17.43
N GLU B 142 -2.52 2.96 18.17
CA GLU B 142 -2.32 4.22 18.88
C GLU B 142 -2.26 5.39 17.88
N GLN B 143 -1.53 5.15 16.77
CA GLN B 143 -1.39 6.13 15.71
C GLN B 143 -2.64 6.42 14.95
N CYS B 144 -3.34 5.45 14.37
CA CYS B 144 -4.51 5.57 13.56
C CYS B 144 -5.83 5.80 14.24
N GLY B 145 -5.91 5.62 15.56
CA GLY B 145 -7.11 5.87 16.33
C GLY B 145 -8.00 4.70 16.63
N ARG B 146 -7.61 3.47 16.27
CA ARG B 146 -8.42 2.32 16.54
C ARG B 146 -8.33 1.95 18.03
N ASN B 147 -9.46 1.59 18.62
CA ASN B 147 -9.54 1.27 20.04
C ASN B 147 -9.83 -0.20 20.29
N ILE B 148 -9.72 -0.99 19.23
CA ILE B 148 -9.70 -2.44 19.29
C ILE B 148 -8.40 -2.88 18.59
N VAL B 149 -7.51 -3.60 19.20
CA VAL B 149 -6.24 -4.01 18.59
C VAL B 149 -6.35 -5.36 17.94
N PRO B 150 -6.05 -5.47 16.63
CA PRO B 150 -6.12 -6.74 15.97
C PRO B 150 -5.10 -7.70 16.57
N GLU B 151 -5.51 -8.97 16.66
CA GLU B 151 -4.58 -10.00 17.10
C GLU B 151 -3.70 -10.50 15.95
N ILE B 152 -2.43 -10.67 16.20
CA ILE B 152 -1.50 -11.39 15.35
C ILE B 152 -1.47 -12.85 15.82
N ARG B 153 -2.18 -13.72 15.10
CA ARG B 153 -2.31 -15.12 15.54
C ARG B 153 -1.03 -15.90 15.35
N PRO B 154 -1.00 -17.11 15.90
CA PRO B 154 0.13 -18.01 15.73
C PRO B 154 0.35 -18.38 14.28
N LEU B 155 1.60 -18.56 13.90
CA LEU B 155 1.98 -19.00 12.58
C LEU B 155 1.34 -20.36 12.28
N MSE B 156 0.75 -20.49 11.12
CA MSE B 156 0.12 -21.72 10.69
C MSE B 156 0.65 -22.09 9.31
O MSE B 156 0.97 -21.20 8.53
CB MSE B 156 -1.40 -21.54 10.50
CG MSE B 156 -2.14 -21.21 11.80
SE MSE B 156 -4.03 -21.28 11.60
CE MSE B 156 -4.22 -23.13 11.03
N LYS B 157 0.56 -23.39 8.99
CA LYS B 157 0.82 -23.74 7.59
C LYS B 157 -0.40 -23.26 6.80
N LEU B 158 -0.11 -22.86 5.56
CA LEU B 158 -1.13 -22.39 4.64
C LEU B 158 -2.24 -23.41 4.43
N GLN B 159 -1.89 -24.70 4.26
CA GLN B 159 -2.97 -25.65 4.03
C GLN B 159 -3.92 -25.75 5.22
N ASP B 160 -3.38 -25.60 6.42
CA ASP B 160 -4.21 -25.66 7.63
C ASP B 160 -5.06 -24.40 7.72
N TRP B 161 -4.44 -23.23 7.48
CA TRP B 161 -5.19 -21.97 7.54
C TRP B 161 -6.30 -21.95 6.52
N CYS B 162 -6.07 -22.43 5.30
CA CYS B 162 -7.12 -22.50 4.28
C CYS B 162 -8.33 -23.33 4.71
N ALA B 163 -8.11 -24.35 5.57
CA ALA B 163 -9.19 -25.22 5.96
C ALA B 163 -9.89 -24.83 7.23
N GLU B 164 -9.55 -23.68 7.82
CA GLU B 164 -10.23 -23.17 9.00
C GLU B 164 -11.65 -22.80 8.59
N ASN B 165 -12.65 -22.95 9.45
CA ASN B 165 -14.01 -22.58 8.99
C ASN B 165 -14.67 -21.67 10.00
N ASP B 166 -15.35 -20.64 9.54
CA ASP B 166 -16.00 -19.68 10.42
C ASP B 166 -17.04 -18.85 9.68
N GLY B 167 -17.39 -19.28 8.48
CA GLY B 167 -18.40 -18.55 7.71
C GLY B 167 -17.86 -17.32 7.00
N ALA B 168 -16.56 -17.07 7.05
CA ALA B 168 -16.02 -15.94 6.27
C ALA B 168 -15.85 -16.36 4.82
N LEU B 169 -15.98 -15.41 3.89
CA LEU B 169 -15.79 -15.69 2.47
C LEU B 169 -14.30 -15.79 2.19
N LYS B 170 -13.84 -16.94 1.70
CA LYS B 170 -12.42 -17.13 1.43
C LYS B 170 -12.00 -16.65 0.05
N LEU B 171 -10.99 -15.78 -0.03
CA LEU B 171 -10.48 -15.20 -1.24
C LEU B 171 -8.97 -15.41 -1.45
N ASN B 172 -8.58 -15.63 -2.71
CA ASN B 172 -7.16 -15.67 -3.05
C ASN B 172 -6.98 -15.13 -4.49
N LEU B 173 -5.80 -14.62 -4.76
CA LEU B 173 -5.50 -14.02 -6.06
C LEU B 173 -5.04 -15.10 -7.03
N HIS B 174 -5.69 -15.10 -8.20
CA HIS B 174 -5.25 -16.02 -9.26
C HIS B 174 -5.52 -15.33 -10.60
N PRO B 175 -4.57 -15.45 -11.53
CA PRO B 175 -4.66 -14.87 -12.84
C PRO B 175 -5.81 -15.40 -13.69
N ARG B 176 -6.34 -16.58 -13.41
CA ARG B 176 -7.46 -17.15 -14.14
C ARG B 176 -8.81 -16.76 -13.61
N ALA B 177 -8.86 -16.01 -12.50
CA ALA B 177 -10.12 -15.70 -11.84
C ALA B 177 -11.12 -15.01 -12.72
N HIS B 178 -12.40 -15.12 -12.43
CA HIS B 178 -13.48 -14.43 -13.12
C HIS B 178 -13.79 -13.09 -12.40
N TYR B 179 -13.99 -13.20 -11.09
CA TYR B 179 -14.43 -12.05 -10.30
C TYR B 179 -13.29 -11.09 -9.97
N SER B 180 -13.69 -9.83 -9.78
CA SER B 180 -12.76 -8.82 -9.25
C SER B 180 -13.30 -8.60 -7.82
N ILE B 181 -12.72 -7.79 -7.00
CA ILE B 181 -13.25 -7.54 -5.66
C ILE B 181 -14.55 -6.80 -5.76
N LYS B 182 -14.63 -5.90 -6.76
CA LYS B 182 -15.85 -5.14 -6.98
C LYS B 182 -17.04 -5.99 -7.36
N THR B 183 -16.81 -7.13 -8.01
CA THR B 183 -17.93 -7.95 -8.47
C THR B 183 -18.30 -9.11 -7.59
N LEU B 184 -17.60 -9.36 -6.49
CA LEU B 184 -17.96 -10.46 -5.59
C LEU B 184 -19.44 -10.40 -5.28
N PRO B 185 -20.13 -11.55 -5.36
CA PRO B 185 -21.55 -11.63 -5.15
C PRO B 185 -22.10 -11.63 -3.77
N THR B 186 -21.43 -12.18 -2.76
CA THR B 186 -22.03 -12.21 -1.41
C THR B 186 -20.99 -12.14 -0.31
N ILE B 187 -20.96 -11.00 0.41
CA ILE B 187 -20.07 -10.85 1.55
C ILE B 187 -20.95 -11.12 2.81
N PRO B 188 -20.69 -12.23 3.44
CA PRO B 188 -21.41 -12.61 4.67
C PRO B 188 -21.03 -11.73 5.84
N ALA B 189 -21.83 -11.75 6.94
CA ALA B 189 -21.48 -10.97 8.12
C ALA B 189 -20.14 -11.38 8.72
N GLY B 190 -19.71 -12.60 8.57
CA GLY B 190 -18.42 -13.08 9.05
C GLY B 190 -17.27 -12.39 8.29
N GLY B 191 -17.59 -11.78 7.14
CA GLY B 191 -16.56 -11.02 6.43
C GLY B 191 -15.71 -11.93 5.55
N VAL B 192 -14.44 -11.52 5.35
CA VAL B 192 -13.57 -12.25 4.47
C VAL B 192 -12.29 -12.74 5.12
N ARG B 193 -11.77 -13.78 4.51
CA ARG B 193 -10.50 -14.38 4.79
C ARG B 193 -9.66 -14.24 3.50
N LEU B 194 -8.73 -13.30 3.54
CA LEU B 194 -7.95 -12.96 2.34
C LEU B 194 -6.58 -13.60 2.38
N LEU B 195 -6.30 -14.49 1.42
CA LEU B 195 -4.99 -15.13 1.40
C LEU B 195 -4.06 -14.34 0.44
N ILE B 196 -2.97 -13.89 0.97
CA ILE B 196 -1.90 -13.26 0.19
C ILE B 196 -0.68 -14.20 0.25
N GLY B 197 -0.30 -14.72 -0.90
CA GLY B 197 0.86 -15.65 -0.94
C GLY B 197 2.15 -14.87 -0.99
N SER B 198 3.31 -15.51 -0.87
CA SER B 198 4.59 -14.81 -0.92
C SER B 198 5.13 -14.80 -2.34
N GLU B 199 6.38 -14.31 -2.51
CA GLU B 199 6.91 -14.20 -3.89
C GLU B 199 7.00 -15.54 -4.59
N GLY B 200 7.22 -16.64 -3.88
CA GLY B 200 7.33 -17.97 -4.34
C GLY B 200 6.15 -18.64 -4.99
N GLY B 201 4.92 -18.19 -4.77
CA GLY B 201 3.75 -18.84 -5.37
C GLY B 201 3.30 -20.04 -4.51
N LEU B 202 2.36 -20.81 -5.00
CA LEU B 202 1.80 -21.95 -4.33
C LEU B 202 2.17 -23.28 -5.00
N SER B 203 2.15 -24.35 -4.19
CA SER B 203 2.38 -25.69 -4.74
C SER B 203 1.07 -26.19 -5.37
N ALA B 204 1.16 -27.31 -6.07
CA ALA B 204 -0.01 -27.91 -6.68
C ALA B 204 -0.99 -28.34 -5.57
N GLN B 205 -0.47 -28.95 -4.52
CA GLN B 205 -1.29 -29.33 -3.37
C GLN B 205 -1.95 -28.12 -2.72
N GLU B 206 -1.19 -27.06 -2.52
CA GLU B 206 -1.74 -25.83 -1.95
C GLU B 206 -2.84 -25.25 -2.83
N ILE B 207 -2.64 -25.27 -4.15
CA ILE B 207 -3.70 -24.81 -5.07
C ILE B 207 -4.91 -25.72 -4.98
N ALA B 208 -4.67 -27.04 -4.91
CA ALA B 208 -5.81 -27.97 -4.79
C ALA B 208 -6.53 -27.74 -3.47
N GLN B 209 -5.78 -27.44 -2.40
CA GLN B 209 -6.39 -27.14 -1.12
C GLN B 209 -7.28 -25.91 -1.19
N THR B 210 -6.83 -24.83 -1.87
CA THR B 210 -7.71 -23.64 -1.93
C THR B 210 -8.96 -23.96 -2.71
N GLU B 211 -8.79 -24.68 -3.83
CA GLU B 211 -9.93 -25.16 -4.60
C GLU B 211 -10.77 -26.10 -3.76
N GLN B 212 -10.11 -27.02 -3.03
CA GLN B 212 -10.86 -27.95 -2.17
C GLN B 212 -11.59 -27.26 -1.05
N GLN B 213 -11.07 -26.17 -0.48
CA GLN B 213 -11.71 -25.41 0.55
C GLN B 213 -12.71 -24.35 0.12
N GLY B 214 -13.11 -24.31 -1.14
CA GLY B 214 -14.13 -23.40 -1.61
C GLY B 214 -13.65 -21.94 -1.73
N PHE B 215 -12.40 -21.73 -2.08
CA PHE B 215 -11.91 -20.37 -2.23
C PHE B 215 -12.55 -19.72 -3.46
N THR B 216 -12.80 -18.43 -3.34
CA THR B 216 -13.30 -17.66 -4.49
C THR B 216 -12.05 -16.90 -5.00
N GLU B 217 -11.60 -17.20 -6.21
CA GLU B 217 -10.38 -16.52 -6.68
C GLU B 217 -10.69 -15.12 -7.20
N ILE B 218 -9.71 -14.20 -7.12
CA ILE B 218 -10.02 -12.84 -7.63
C ILE B 218 -8.87 -12.26 -8.43
N LEU B 219 -9.22 -11.36 -9.37
CA LEU B 219 -8.18 -10.67 -10.14
C LEU B 219 -7.89 -9.35 -9.35
N LEU B 220 -6.81 -8.73 -9.67
CA LEU B 220 -6.47 -7.46 -9.01
C LEU B 220 -5.61 -6.64 -10.00
N GLY B 221 -6.13 -6.51 -11.22
CA GLY B 221 -5.48 -5.71 -12.24
C GLY B 221 -4.54 -6.51 -13.13
N LYS B 222 -4.00 -5.90 -14.19
CA LYS B 222 -3.13 -6.58 -15.14
C LYS B 222 -1.68 -6.61 -14.76
N ARG B 223 -1.25 -5.85 -13.75
CA ARG B 223 0.13 -5.77 -13.37
C ARG B 223 0.49 -6.70 -12.21
N VAL B 224 1.70 -7.22 -12.23
CA VAL B 224 2.14 -8.13 -11.14
C VAL B 224 2.54 -7.31 -9.92
N LEU B 225 1.85 -7.57 -8.82
CA LEU B 225 2.02 -6.76 -7.62
C LEU B 225 2.93 -7.47 -6.64
N ARG B 226 3.85 -6.71 -6.07
CA ARG B 226 4.69 -7.30 -5.00
C ARG B 226 3.74 -7.64 -3.84
N THR B 227 4.13 -8.62 -3.06
CA THR B 227 3.37 -9.07 -1.89
C THR B 227 2.84 -7.96 -1.04
N GLU B 228 3.63 -7.00 -0.59
CA GLU B 228 3.19 -5.90 0.26
C GLU B 228 2.12 -5.04 -0.41
N THR B 229 2.24 -4.80 -1.68
CA THR B 229 1.33 -4.00 -2.49
C THR B 229 0.01 -4.71 -2.72
N ALA B 230 0.09 -6.02 -2.99
CA ALA B 230 -1.07 -6.84 -3.21
C ALA B 230 -1.95 -6.87 -1.95
N SER B 231 -1.37 -7.02 -0.78
CA SER B 231 -2.13 -7.02 0.46
C SER B 231 -2.79 -5.66 0.70
N LEU B 232 -2.02 -4.58 0.62
CA LEU B 232 -2.54 -3.23 0.84
C LEU B 232 -3.63 -2.88 -0.16
N ALA B 233 -3.39 -3.25 -1.42
CA ALA B 233 -4.35 -2.94 -2.45
C ALA B 233 -5.64 -3.69 -2.26
N ALA B 234 -5.54 -5.02 -2.01
CA ALA B 234 -6.78 -5.80 -1.86
C ALA B 234 -7.57 -5.37 -0.63
N ILE B 235 -6.91 -5.10 0.49
CA ILE B 235 -7.62 -4.62 1.69
C ILE B 235 -8.25 -3.26 1.38
N SER B 236 -7.50 -2.38 0.71
CA SER B 236 -8.11 -1.07 0.36
C SER B 236 -9.34 -1.27 -0.49
N ALA B 237 -9.23 -2.14 -1.51
CA ALA B 237 -10.32 -2.45 -2.38
C ALA B 237 -11.52 -3.03 -1.65
N LEU B 238 -11.30 -3.97 -0.71
CA LEU B 238 -12.37 -4.58 0.05
C LEU B 238 -13.05 -3.53 0.97
N GLN B 239 -12.26 -2.63 1.51
CA GLN B 239 -12.82 -1.61 2.42
C GLN B 239 -13.61 -0.57 1.65
N ILE B 240 -13.25 -0.29 0.40
CA ILE B 240 -14.01 0.68 -0.39
C ILE B 240 -15.31 0.07 -0.85
N CYS B 241 -15.24 -1.20 -1.29
CA CYS B 241 -16.42 -1.84 -1.82
C CYS B 241 -17.45 -2.27 -0.81
N PHE B 242 -17.02 -2.87 0.31
CA PHE B 242 -17.98 -3.48 1.25
C PHE B 242 -17.71 -3.05 2.70
N GLY B 243 -16.82 -2.11 2.89
CA GLY B 243 -16.31 -1.65 4.14
C GLY B 243 -16.61 -0.16 4.37
N ASP B 244 -15.80 0.48 5.19
CA ASP B 244 -16.04 1.87 5.57
C ASP B 244 -15.26 2.91 4.80
N LEU B 245 -14.26 2.51 3.99
CA LEU B 245 -13.48 3.41 3.22
C LEU B 245 -14.33 4.14 2.17
N GLY B 246 -15.40 3.54 1.72
CA GLY B 246 -16.28 4.10 0.73
C GLY B 246 -17.54 4.76 1.26
N GLU B 247 -17.65 4.95 2.56
CA GLU B 247 -18.84 5.59 3.13
C GLU B 247 -18.80 7.09 2.94
N GLU B 248 -19.95 7.69 2.60
CA GLU B 248 -19.98 9.13 2.38
C GLU B 248 -19.96 9.94 3.66
N GLY B 249 -20.00 11.26 3.54
CA GLY B 249 -19.96 12.15 4.68
C GLY B 249 -21.16 12.03 5.59
#